data_4MDW
#
_entry.id   4MDW
#
_cell.length_a   27.692
_cell.length_b   64.174
_cell.length_c   80.499
_cell.angle_alpha   90.000
_cell.angle_beta   90.000
_cell.angle_gamma   90.000
#
_symmetry.space_group_name_H-M   'P 21 21 21'
#
loop_
_entity.id
_entity.type
_entity.pdbx_description
1 polymer 'Uncharacterized protein YdhK'
2 water water
#
_entity_poly.entity_id   1
_entity_poly.type   'polypeptide(L)'
_entity_poly.pdbx_seq_one_letter_code
;GNNNST(MLY)ESTHDNHSDSSTHEE(MSE)DHSGSADVPEGLQES(MLY)NP(MLY)Y(MLY)VGSQVIINTSH(MSE)
(MLY)G(MSE)(MLY)GAEATVTGAYDTTAYVVSYTPTNGGQRVDHH(MLY)WVIQEEI(MLY)DAGD(MLY)TLQPGDQ
VILEASH(MSE)(MLY)G(MSE)(MLY)GATAEIDSAE(MLY)TTVY(MSE)VDYTSTTSGE(MLY)V(MLY)NHKWVTE
DELSA(MLY)
;
_entity_poly.pdbx_strand_id   A
#
# COMPACT_ATOMS: atom_id res chain seq x y z
N HIS A 20 -19.50 -4.81 -2.36
CA HIS A 20 -19.17 -3.57 -3.06
C HIS A 20 -17.96 -2.86 -2.43
N GLU A 21 -17.97 -2.69 -1.09
CA GLU A 21 -16.90 -2.01 -0.33
C GLU A 21 -15.49 -2.71 -0.41
N GLU A 22 -15.39 -3.91 -0.99
CA GLU A 22 -14.11 -4.64 -1.14
C GLU A 22 -13.26 -4.04 -2.27
N ASP A 24 -13.78 -1.11 -3.60
CA ASP A 24 -13.64 0.31 -3.29
C ASP A 24 -12.36 0.58 -2.47
N HIS A 25 -11.95 -0.36 -1.59
CA HIS A 25 -10.75 -0.23 -0.75
C HIS A 25 -9.46 -0.62 -1.52
N SER A 26 -9.62 -1.09 -2.76
CA SER A 26 -8.52 -1.37 -3.69
C SER A 26 -8.93 -0.78 -5.06
N GLY A 27 -9.42 0.46 -5.02
CA GLY A 27 -10.01 1.14 -6.17
C GLY A 27 -9.11 1.88 -7.14
N SER A 28 -7.80 2.01 -6.87
CA SER A 28 -6.90 2.72 -7.80
C SER A 28 -6.23 1.74 -8.79
N ALA A 29 -5.88 2.24 -10.02
CA ALA A 29 -5.22 1.42 -11.06
C ALA A 29 -3.96 2.10 -11.73
N ASP A 30 -3.50 3.30 -11.26
CA ASP A 30 -2.32 3.97 -11.86
C ASP A 30 -1.02 3.70 -11.07
N VAL A 31 0.10 3.32 -11.74
CA VAL A 31 1.39 3.09 -11.05
C VAL A 31 2.11 4.46 -10.87
N PRO A 32 2.60 4.84 -9.65
CA PRO A 32 3.25 6.17 -9.49
C PRO A 32 4.51 6.35 -10.32
N GLU A 33 4.86 7.61 -10.60
CA GLU A 33 6.07 7.92 -11.39
C GLU A 33 7.32 7.78 -10.55
N GLY A 34 8.44 7.50 -11.22
CA GLY A 34 9.74 7.35 -10.60
C GLY A 34 9.90 6.20 -9.61
N LEU A 35 8.97 5.24 -9.64
CA LEU A 35 9.00 4.10 -8.73
C LEU A 35 10.04 3.11 -9.26
N GLN A 36 11.06 2.72 -8.44
CA GLN A 36 12.15 1.84 -8.88
C GLN A 36 11.76 0.36 -8.82
N GLU A 37 11.75 -0.35 -9.97
CA GLU A 37 11.41 -1.76 -9.92
C GLU A 37 12.54 -2.52 -9.22
N SER A 38 12.15 -3.47 -8.36
CA SER A 38 13.06 -4.21 -7.51
C SER A 38 14.06 -5.03 -8.33
N ASN A 40 16.39 -7.38 -6.99
CA ASN A 40 16.41 -8.78 -6.55
C ASN A 40 15.25 -9.06 -5.59
N PRO A 41 13.98 -9.04 -6.07
CA PRO A 41 12.85 -9.30 -5.16
C PRO A 41 12.79 -10.78 -4.75
N TYR A 43 10.08 -12.43 -4.32
CA TYR A 43 9.02 -12.97 -5.17
C TYR A 43 9.04 -12.23 -6.49
N VAL A 45 8.07 -11.06 -10.36
CA VAL A 45 6.81 -10.63 -10.97
C VAL A 45 6.28 -11.84 -11.75
N GLY A 46 4.98 -12.08 -11.66
CA GLY A 46 4.38 -13.26 -12.28
C GLY A 46 4.37 -14.47 -11.37
N SER A 47 5.02 -14.40 -10.18
CA SER A 47 5.03 -15.52 -9.24
C SER A 47 3.74 -15.56 -8.45
N GLN A 48 3.45 -16.73 -7.84
CA GLN A 48 2.24 -16.90 -7.03
C GLN A 48 2.62 -16.88 -5.57
N VAL A 49 1.85 -16.16 -4.76
CA VAL A 49 2.13 -16.02 -3.34
C VAL A 49 0.84 -16.23 -2.53
N ILE A 50 1.00 -16.27 -1.21
CA ILE A 50 -0.11 -16.34 -0.27
C ILE A 50 0.00 -15.06 0.56
N ILE A 51 -1.09 -14.28 0.70
CA ILE A 51 -1.05 -13.08 1.55
C ILE A 51 -1.22 -13.52 3.04
N ASN A 52 -0.30 -13.11 3.95
CA ASN A 52 -0.38 -13.48 5.38
C ASN A 52 -0.91 -12.36 6.28
N THR A 53 -1.22 -11.19 5.71
CA THR A 53 -1.65 -10.01 6.47
C THR A 53 -3.17 -9.77 6.34
N SER A 54 -3.70 -9.05 7.32
CA SER A 54 -5.13 -8.77 7.44
C SER A 54 -5.43 -7.29 7.23
N HIS A 55 -4.88 -6.62 6.17
CA HIS A 55 -5.17 -5.19 5.97
C HIS A 55 -6.65 -4.90 5.84
N GLY A 58 -10.98 -10.33 3.42
CA GLY A 58 -10.85 -11.10 2.18
C GLY A 58 -9.43 -11.32 1.71
N GLY A 61 -4.73 -15.06 3.88
CA GLY A 61 -4.58 -16.38 3.29
C GLY A 61 -5.12 -16.48 1.87
N ALA A 62 -5.27 -15.34 1.18
CA ALA A 62 -5.76 -15.32 -0.20
C ALA A 62 -4.68 -15.78 -1.16
N GLU A 63 -5.08 -16.39 -2.27
CA GLU A 63 -4.21 -16.74 -3.40
C GLU A 63 -3.91 -15.47 -4.15
N ALA A 64 -2.64 -15.13 -4.35
CA ALA A 64 -2.26 -13.90 -5.04
C ALA A 64 -1.16 -14.10 -6.07
N THR A 65 -1.10 -13.18 -7.04
CA THR A 65 -0.10 -13.15 -8.11
C THR A 65 0.57 -11.80 -8.09
N VAL A 66 1.91 -11.80 -8.12
CA VAL A 66 2.68 -10.56 -8.09
C VAL A 66 2.60 -9.86 -9.46
N THR A 67 2.16 -8.58 -9.50
CA THR A 67 2.07 -7.84 -10.76
C THR A 67 3.12 -6.70 -10.81
N GLY A 68 3.73 -6.38 -9.69
CA GLY A 68 4.78 -5.38 -9.62
C GLY A 68 5.55 -5.56 -8.34
N ALA A 69 6.88 -5.35 -8.39
CA ALA A 69 7.78 -5.43 -7.22
C ALA A 69 8.71 -4.23 -7.24
N TYR A 70 8.71 -3.40 -6.17
CA TYR A 70 9.49 -2.15 -6.17
C TYR A 70 10.29 -1.97 -4.90
N ASP A 71 11.49 -1.38 -5.02
CA ASP A 71 12.32 -1.05 -3.87
C ASP A 71 11.99 0.38 -3.46
N THR A 72 11.37 0.55 -2.29
CA THR A 72 10.98 1.87 -1.82
C THR A 72 10.85 1.84 -0.30
N THR A 73 10.34 2.95 0.26
CA THR A 73 10.07 3.11 1.68
C THR A 73 8.56 2.99 1.85
N ALA A 74 8.11 2.05 2.69
CA ALA A 74 6.68 1.86 2.99
C ALA A 74 6.38 2.54 4.33
N TYR A 75 5.27 3.29 4.39
CA TYR A 75 4.88 4.03 5.59
C TYR A 75 3.54 3.58 6.15
N VAL A 76 3.45 3.50 7.47
CA VAL A 76 2.18 3.33 8.17
C VAL A 76 1.72 4.78 8.38
N VAL A 77 0.46 5.10 8.03
CA VAL A 77 -0.02 6.47 8.15
C VAL A 77 -1.39 6.52 8.80
N SER A 78 -1.70 7.66 9.42
CA SER A 78 -3.02 7.94 9.99
C SER A 78 -3.52 9.23 9.40
N TYR A 79 -4.79 9.27 9.00
CA TYR A 79 -5.37 10.42 8.33
C TYR A 79 -6.87 10.45 8.47
N THR A 80 -7.45 11.65 8.37
CA THR A 80 -8.89 11.86 8.34
C THR A 80 -9.28 12.00 6.86
N PRO A 81 -10.18 11.13 6.34
CA PRO A 81 -10.57 11.22 4.92
C PRO A 81 -11.07 12.62 4.54
N THR A 82 -10.74 13.06 3.31
CA THR A 82 -11.14 14.39 2.83
C THR A 82 -12.67 14.51 2.79
N ASN A 83 -13.41 13.40 2.68
CA ASN A 83 -14.88 13.45 2.67
C ASN A 83 -15.51 13.29 4.09
N GLY A 84 -14.70 13.35 5.16
CA GLY A 84 -15.19 13.25 6.54
C GLY A 84 -15.31 11.81 6.99
N GLY A 85 -16.01 11.59 8.07
CA GLY A 85 -16.10 10.22 8.59
C GLY A 85 -14.92 9.89 9.48
N GLN A 86 -14.86 8.65 9.94
CA GLN A 86 -13.84 8.27 10.92
C GLN A 86 -12.42 8.31 10.38
N ARG A 87 -11.53 8.73 11.28
CA ARG A 87 -10.10 8.77 11.02
C ARG A 87 -9.60 7.37 10.69
N VAL A 88 -8.74 7.25 9.68
CA VAL A 88 -8.12 6.00 9.31
C VAL A 88 -6.87 5.88 10.19
N ASP A 89 -6.86 4.95 11.13
CA ASP A 89 -5.73 4.82 12.07
C ASP A 89 -4.75 3.72 11.66
N HIS A 90 -3.44 4.03 11.63
CA HIS A 90 -2.32 3.08 11.34
C HIS A 90 -2.59 2.20 10.14
N HIS A 91 -2.67 2.86 8.98
CA HIS A 91 -2.96 2.23 7.70
C HIS A 91 -1.69 1.80 6.98
N TRP A 93 -0.56 0.40 3.33
CA TRP A 93 0.65 1.22 3.33
C TRP A 93 0.52 2.31 2.29
N VAL A 94 1.32 3.37 2.43
CA VAL A 94 1.54 4.38 1.40
C VAL A 94 3.05 4.39 1.21
N ILE A 95 3.52 4.63 -0.01
CA ILE A 95 4.96 4.62 -0.28
C ILE A 95 5.49 6.02 -0.52
N GLN A 96 6.82 6.14 -0.51
CA GLN A 96 7.59 7.39 -0.75
C GLN A 96 7.03 8.18 -1.94
N GLU A 97 6.80 7.48 -3.04
CA GLU A 97 6.35 8.04 -4.32
C GLU A 97 4.87 8.51 -4.31
N GLU A 98 4.09 8.16 -3.26
CA GLU A 98 2.71 8.57 -3.09
C GLU A 98 2.56 9.68 -2.04
N ILE A 99 3.65 10.33 -1.60
CA ILE A 99 3.56 11.44 -0.63
C ILE A 99 3.92 12.69 -1.42
N ASP A 101 5.27 16.02 -2.80
CA ASP A 101 6.53 16.76 -2.69
C ASP A 101 7.59 16.10 -1.78
N ALA A 102 7.46 14.80 -1.51
CA ALA A 102 8.40 14.12 -0.60
C ALA A 102 9.81 13.97 -1.20
N GLY A 103 9.90 13.74 -2.50
CA GLY A 103 11.19 13.48 -3.14
C GLY A 103 11.71 12.17 -2.62
N ASP A 104 13.01 12.07 -2.37
CA ASP A 104 13.64 10.86 -1.87
C ASP A 104 14.02 10.88 -0.39
N THR A 106 13.72 10.38 3.46
CA THR A 106 12.91 9.54 4.35
C THR A 106 12.12 10.39 5.36
N LEU A 107 10.80 10.15 5.43
CA LEU A 107 9.94 10.84 6.39
C LEU A 107 10.10 10.15 7.75
N GLN A 108 9.86 10.92 8.83
CA GLN A 108 10.04 10.47 10.19
CA GLN A 108 10.04 10.46 10.20
C GLN A 108 8.70 10.38 10.98
N PRO A 109 8.65 9.55 12.07
CA PRO A 109 7.41 9.44 12.88
C PRO A 109 6.91 10.77 13.43
N GLY A 110 5.63 11.08 13.23
CA GLY A 110 5.08 12.35 13.67
C GLY A 110 5.02 13.40 12.58
N ASP A 111 5.77 13.23 11.46
CA ASP A 111 5.71 14.20 10.36
C ASP A 111 4.31 14.27 9.75
N GLN A 112 3.88 15.46 9.38
CA GLN A 112 2.60 15.70 8.72
C GLN A 112 2.87 15.86 7.25
N VAL A 113 2.09 15.17 6.40
CA VAL A 113 2.25 15.22 4.95
C VAL A 113 0.90 15.22 4.24
N ILE A 114 0.94 15.52 2.93
CA ILE A 114 -0.23 15.43 2.04
C ILE A 114 -0.06 14.14 1.20
N LEU A 115 -1.08 13.27 1.20
CA LEU A 115 -1.04 12.04 0.43
C LEU A 115 -1.38 12.29 -1.02
N GLU A 116 -0.62 11.65 -1.94
CA GLU A 116 -0.95 11.64 -3.36
C GLU A 116 -1.69 10.32 -3.67
N ALA A 117 -1.61 9.29 -2.77
CA ALA A 117 -2.26 7.99 -2.97
C ALA A 117 -3.78 8.12 -3.06
N SER A 118 -4.40 7.26 -3.89
CA SER A 118 -5.84 7.27 -4.07
C SER A 118 -6.36 5.85 -4.02
N HIS A 119 -5.83 5.04 -3.10
CA HIS A 119 -6.20 3.61 -2.92
C HIS A 119 -7.68 3.45 -2.65
N GLY A 122 -11.45 9.37 -0.39
CA GLY A 122 -11.02 10.27 0.69
C GLY A 122 -9.53 10.28 1.02
N GLY A 125 -5.03 13.73 -1.22
CA GLY A 125 -5.05 15.10 -0.71
C GLY A 125 -5.29 15.17 0.79
N ALA A 126 -5.41 14.01 1.50
CA ALA A 126 -5.62 14.05 2.96
C ALA A 126 -4.32 14.39 3.69
N THR A 127 -4.44 15.06 4.86
CA THR A 127 -3.30 15.34 5.72
C THR A 127 -3.01 14.10 6.53
N ALA A 128 -1.88 13.45 6.29
CA ALA A 128 -1.56 12.23 7.00
C ALA A 128 -0.45 12.43 8.01
N GLU A 129 -0.53 11.70 9.12
CA GLU A 129 0.58 11.64 10.06
C GLU A 129 1.40 10.37 9.74
N ILE A 130 2.74 10.45 9.77
CA ILE A 130 3.60 9.28 9.54
C ILE A 130 3.70 8.55 10.87
N ASP A 131 3.28 7.28 10.97
CA ASP A 131 3.36 6.51 12.23
C ASP A 131 4.65 5.73 12.31
N SER A 132 5.04 5.08 11.21
CA SER A 132 6.33 4.37 11.10
C SER A 132 6.75 4.28 9.60
N ALA A 133 8.04 4.00 9.38
CA ALA A 133 8.62 3.88 8.05
C ALA A 133 9.52 2.66 7.98
N GLU A 134 9.61 2.03 6.80
CA GLU A 134 10.56 0.93 6.62
C GLU A 134 10.98 0.78 5.17
N THR A 136 11.91 -1.49 2.37
CA THR A 136 11.64 -2.91 2.08
C THR A 136 11.22 -3.01 0.62
N THR A 137 10.89 -4.22 0.16
CA THR A 137 10.34 -4.40 -1.19
C THR A 137 8.83 -4.38 -1.01
N VAL A 138 8.12 -3.58 -1.80
CA VAL A 138 6.68 -3.51 -1.71
C VAL A 138 6.17 -4.13 -2.97
N TYR A 139 5.02 -4.78 -2.85
CA TYR A 139 4.43 -5.52 -3.94
C TYR A 139 3.02 -5.06 -4.25
N VAL A 141 -0.23 -6.70 -6.06
CA VAL A 141 -0.67 -8.06 -6.33
C VAL A 141 -2.13 -8.14 -6.78
N ASP A 142 -2.42 -9.13 -7.61
CA ASP A 142 -3.77 -9.53 -7.95
C ASP A 142 -4.13 -10.55 -6.90
N TYR A 143 -5.34 -10.56 -6.35
CA TYR A 143 -5.65 -11.63 -5.40
C TYR A 143 -7.10 -12.02 -5.51
N THR A 144 -7.38 -13.25 -5.12
CA THR A 144 -8.73 -13.80 -5.15
C THR A 144 -9.24 -13.69 -3.74
N SER A 145 -10.21 -12.79 -3.53
CA SER A 145 -10.80 -12.56 -2.21
C SER A 145 -11.30 -13.88 -1.58
N THR A 146 -10.98 -14.14 -0.30
CA THR A 146 -11.37 -15.38 0.39
C THR A 146 -12.84 -15.37 0.80
N THR A 147 -13.44 -14.17 0.91
CA THR A 147 -14.84 -14.01 1.32
C THR A 147 -15.78 -14.04 0.12
N SER A 148 -15.46 -13.31 -0.96
CA SER A 148 -16.33 -13.25 -2.15
C SER A 148 -15.91 -14.14 -3.31
N GLY A 149 -14.62 -14.52 -3.40
CA GLY A 149 -14.11 -15.28 -4.54
C GLY A 149 -13.83 -14.44 -5.77
N GLU A 150 -13.96 -13.11 -5.68
CA GLU A 150 -13.78 -12.20 -6.81
C GLU A 150 -12.32 -11.78 -6.93
N VAL A 152 -9.46 -9.39 -7.18
CA VAL A 152 -9.12 -8.00 -6.85
C VAL A 152 -7.83 -7.70 -7.63
N ASN A 154 -4.40 -5.70 -9.08
CA ASN A 154 -3.31 -4.77 -8.76
C ASN A 154 -3.48 -4.02 -7.41
N HIS A 155 -3.74 -4.77 -6.34
CA HIS A 155 -3.94 -4.18 -5.03
C HIS A 155 -2.63 -3.59 -4.49
N LYS A 156 -2.68 -2.34 -4.00
CA LYS A 156 -1.56 -1.60 -3.42
C LYS A 156 -1.77 -1.43 -1.92
N TRP A 157 -0.88 -1.86 -1.03
CA TRP A 157 0.34 -2.65 -1.24
C TRP A 157 0.48 -3.69 -0.17
N VAL A 158 1.43 -4.61 -0.36
CA VAL A 158 1.84 -5.58 0.65
C VAL A 158 3.37 -5.60 0.61
N THR A 159 3.99 -5.64 1.77
CA THR A 159 5.45 -5.68 1.87
C THR A 159 5.92 -7.12 1.71
N GLU A 160 7.23 -7.30 1.53
CA GLU A 160 7.81 -8.63 1.38
C GLU A 160 7.48 -9.58 2.54
N ASP A 161 7.46 -9.05 3.76
CA ASP A 161 7.20 -9.84 4.96
C ASP A 161 5.71 -10.21 5.14
N GLU A 162 4.79 -9.64 4.32
CA GLU A 162 3.36 -9.98 4.37
C GLU A 162 2.99 -11.02 3.33
N LEU A 163 3.98 -11.54 2.57
CA LEU A 163 3.77 -12.57 1.53
C LEU A 163 4.53 -13.81 1.85
N SER A 164 3.97 -14.96 1.44
CA SER A 164 4.56 -16.29 1.57
C SER A 164 4.59 -16.93 0.21
N ALA A 165 5.60 -17.72 -0.05
CA ALA A 165 5.68 -18.46 -1.32
C ALA A 165 4.49 -19.42 -1.41
#